data_6BKW
#
_entry.id   6BKW
#
_cell.length_a   108.765
_cell.length_b   108.765
_cell.length_c   41.863
_cell.angle_alpha   90.000
_cell.angle_beta   90.000
_cell.angle_gamma   120.000
#
_symmetry.space_group_name_H-M   'P 61'
#
loop_
_entity.id
_entity.type
_entity.pdbx_description
1 polymer 'Tyrosine-protein kinase BTK'
2 non-polymer 'SULFATE ION'
3 non-polymer N-(3-{5-[(1,5-dimethyl-1H-pyrazol-3-yl)amino]-1-methyl-6-oxo-1,6-dihydropyridazin-3-yl}-2,6-difluorophenyl)-4,5,6,7-tetrahydro-1-benzothiophene-2-carboxamide
4 non-polymer triphenylphosphane
5 non-polymer GLYCEROL
6 water water
#
_entity_poly.entity_id   1
_entity_poly.type   'polypeptide(L)'
_entity_poly.pdbx_seq_one_letter_code
;MGSWEIDPKDLTFLKELGTGQFGVVKYGKWRGQYDVAIKMIKEGSMSEDEFIEEAKVMMNLSHEKLVQLYGVCTKQRPIF
IITEYMANG(OCS)LLNYLREMRHRFQTQQLLEMCKDVCEAMEYLESKQFLHRDLAARNCLVNDQGVVKVSDFGLSRYVL
DDEYTSSVGSKFPVRWSPPEVLMYSKFSSKSDIWAFGVLMWEIYSLGKMPYERFTNSETAEHIAQGLRLYRPHLASEKVY
TIMYSCWHEKADERPTFKILLSNILDVMDENLYFQGEEYMPTEHHHHHHHH
;
_entity_poly.pdbx_strand_id   A
#
loop_
_chem_comp.id
_chem_comp.type
_chem_comp.name
_chem_comp.formula
DXM non-polymer N-(3-{5-[(1,5-dimethyl-1H-pyrazol-3-yl)amino]-1-methyl-6-oxo-1,6-dihydropyridazin-3-yl}-2,6-difluorophenyl)-4,5,6,7-tetrahydro-1-benzothiophene-2-carboxamide 'C25 H24 F2 N6 O2 S'
FPZ non-polymer triphenylphosphane 'C18 H15 P'
GOL non-polymer GLYCEROL 'C3 H8 O3'
SO4 non-polymer 'SULFATE ION' 'O4 S -2'
#
# COMPACT_ATOMS: atom_id res chain seq x y z
N GLY A 2 15.26 17.31 7.09
CA GLY A 2 16.50 16.92 6.42
C GLY A 2 16.28 16.34 5.03
N SER A 3 15.01 16.23 4.64
CA SER A 3 14.68 15.69 3.33
C SER A 3 15.12 16.65 2.22
N TRP A 4 15.00 16.20 0.97
CA TRP A 4 15.28 17.07 -0.15
C TRP A 4 14.16 18.09 -0.29
N GLU A 5 14.52 19.36 -0.12
CA GLU A 5 13.61 20.48 -0.31
C GLU A 5 13.64 20.84 -1.79
N ILE A 6 12.66 20.33 -2.53
CA ILE A 6 12.57 20.57 -3.97
C ILE A 6 12.11 21.99 -4.21
N ASP A 7 12.70 22.63 -5.20
CA ASP A 7 12.31 24.00 -5.55
C ASP A 7 10.99 23.95 -6.33
N PRO A 8 9.91 24.53 -5.82
CA PRO A 8 8.63 24.41 -6.54
C PRO A 8 8.68 25.02 -7.94
N LYS A 9 9.58 25.99 -8.17
CA LYS A 9 9.77 26.52 -9.52
C LYS A 9 10.14 25.42 -10.51
N ASP A 10 10.74 24.32 -10.06
CA ASP A 10 11.15 23.24 -10.95
C ASP A 10 10.03 22.26 -11.28
N LEU A 11 8.82 22.47 -10.77
CA LEU A 11 7.71 21.57 -10.99
C LEU A 11 6.78 22.20 -12.03
N THR A 12 6.39 21.42 -13.03
CA THR A 12 5.36 21.83 -13.98
C THR A 12 4.15 20.92 -13.77
N PHE A 13 3.01 21.49 -13.43
CA PHE A 13 1.80 20.69 -13.27
C PHE A 13 1.16 20.46 -14.62
N LEU A 14 0.72 19.22 -14.87
CA LEU A 14 0.23 18.82 -16.19
C LEU A 14 -1.16 18.21 -16.17
N LYS A 15 -1.48 17.35 -15.20
CA LYS A 15 -2.78 16.69 -15.19
C LYS A 15 -3.23 16.42 -13.76
N GLU A 16 -4.55 16.37 -13.59
CA GLU A 16 -5.14 15.96 -12.33
C GLU A 16 -5.14 14.42 -12.24
N LEU A 17 -4.74 13.88 -11.09
CA LEU A 17 -4.77 12.44 -10.87
C LEU A 17 -5.83 12.01 -9.87
N GLY A 18 -6.64 12.93 -9.40
CA GLY A 18 -7.68 12.60 -8.44
C GLY A 18 -7.37 13.14 -7.06
N THR A 19 -8.21 12.72 -6.11
CA THR A 19 -8.16 13.21 -4.74
C THR A 19 -8.09 12.03 -3.78
N GLY A 20 -7.29 12.20 -2.75
CA GLY A 20 -7.13 11.20 -1.70
C GLY A 20 -7.29 11.80 -0.32
N GLN A 21 -6.72 11.12 0.67
CA GLN A 21 -6.90 11.49 2.07
C GLN A 21 -6.28 12.85 2.39
N PHE A 22 -5.31 13.31 1.60
CA PHE A 22 -4.71 14.62 1.78
C PHE A 22 -5.13 15.60 0.70
N GLY A 23 -6.14 15.26 -0.09
CA GLY A 23 -6.61 16.17 -1.11
C GLY A 23 -6.11 15.84 -2.49
N VAL A 24 -5.83 16.89 -3.28
CA VAL A 24 -5.59 16.76 -4.72
C VAL A 24 -4.18 16.24 -4.98
N VAL A 25 -4.06 15.37 -5.99
CA VAL A 25 -2.79 14.86 -6.47
C VAL A 25 -2.69 15.17 -7.97
N LYS A 26 -1.53 15.65 -8.40
CA LYS A 26 -1.31 15.99 -9.80
C LYS A 26 -0.13 15.24 -10.39
N TYR A 27 -0.21 15.02 -11.70
CA TYR A 27 0.92 14.57 -12.50
C TYR A 27 1.64 15.80 -13.03
N GLY A 28 2.96 15.75 -13.01
CA GLY A 28 3.75 16.86 -13.54
C GLY A 28 5.15 16.38 -13.90
N LYS A 29 6.02 17.35 -14.20
CA LYS A 29 7.41 17.09 -14.48
C LYS A 29 8.31 17.91 -13.57
N TRP A 30 9.47 17.34 -13.28
CA TRP A 30 10.54 18.04 -12.57
C TRP A 30 11.61 18.39 -13.59
N ARG A 31 11.95 19.67 -13.62
CA ARG A 31 12.92 20.25 -14.54
C ARG A 31 12.63 19.85 -15.98
N GLY A 32 11.34 19.83 -16.31
CA GLY A 32 10.90 19.63 -17.67
C GLY A 32 11.07 18.24 -18.21
N GLN A 33 11.58 17.30 -17.42
CA GLN A 33 11.98 16.01 -17.96
C GLN A 33 11.39 14.82 -17.21
N TYR A 34 11.46 14.83 -15.89
CA TYR A 34 11.16 13.64 -15.09
C TYR A 34 9.72 13.65 -14.63
N ASP A 35 8.98 12.59 -14.93
CA ASP A 35 7.61 12.48 -14.47
C ASP A 35 7.58 12.39 -12.95
N VAL A 36 6.67 13.11 -12.33
CA VAL A 36 6.47 13.07 -10.89
C VAL A 36 4.99 13.12 -10.58
N ALA A 37 4.64 12.63 -9.39
CA ALA A 37 3.34 12.85 -8.78
C ALA A 37 3.51 13.85 -7.65
N ILE A 38 2.56 14.79 -7.53
CA ILE A 38 2.66 15.90 -6.59
C ILE A 38 1.40 15.88 -5.75
N LYS A 39 1.53 15.52 -4.47
CA LYS A 39 0.43 15.64 -3.53
C LYS A 39 0.41 17.08 -3.02
N MET A 40 -0.70 17.77 -3.22
CA MET A 40 -0.90 19.12 -2.70
C MET A 40 -1.69 18.95 -1.42
N ILE A 41 -1.02 19.08 -0.27
CA ILE A 41 -1.60 18.67 1.01
C ILE A 41 -2.64 19.69 1.45
N LYS A 42 -3.91 19.28 1.45
CA LYS A 42 -4.99 20.17 1.87
C LYS A 42 -4.80 20.62 3.31
N GLU A 43 -4.99 21.93 3.54
CA GLU A 43 -4.83 22.47 4.88
C GLU A 43 -5.77 21.77 5.85
N GLY A 44 -5.24 21.37 7.00
CA GLY A 44 -6.03 20.71 8.01
C GLY A 44 -6.15 19.21 7.84
N SER A 45 -5.64 18.66 6.74
CA SER A 45 -5.78 17.22 6.52
C SER A 45 -4.62 16.40 7.06
N MET A 46 -3.50 17.05 7.38
CA MET A 46 -2.29 16.36 7.79
C MET A 46 -1.65 17.03 8.99
N SER A 47 -1.10 16.22 9.88
CA SER A 47 -0.18 16.71 10.90
C SER A 47 1.15 17.06 10.25
N GLU A 48 1.30 18.31 9.81
CA GLU A 48 2.37 18.65 8.87
C GLU A 48 3.73 18.72 9.56
N ASP A 49 3.82 19.41 10.70
CA ASP A 49 5.09 19.47 11.41
C ASP A 49 5.57 18.06 11.79
N GLU A 50 4.63 17.21 12.17
CA GLU A 50 4.97 15.82 12.50
C GLU A 50 5.54 15.09 11.28
N PHE A 51 4.89 15.25 10.13
CA PHE A 51 5.39 14.61 8.91
C PHE A 51 6.77 15.13 8.54
N ILE A 52 6.97 16.45 8.62
CA ILE A 52 8.24 17.03 8.20
C ILE A 52 9.38 16.50 9.06
N GLU A 53 9.12 16.27 10.36
CA GLU A 53 10.16 15.76 11.25
C GLU A 53 10.74 14.44 10.75
N GLU A 54 9.90 13.59 10.15
CA GLU A 54 10.29 12.23 9.79
C GLU A 54 10.34 12.00 8.29
N ALA A 55 10.26 13.06 7.49
CA ALA A 55 10.27 12.89 6.05
C ALA A 55 11.59 12.33 5.54
N LYS A 56 12.71 12.67 6.18
CA LYS A 56 13.99 12.17 5.70
C LYS A 56 14.09 10.65 5.85
N VAL A 57 13.58 10.11 6.95
CA VAL A 57 13.53 8.66 7.12
C VAL A 57 12.76 8.03 5.98
N MET A 58 11.60 8.59 5.64
N MET A 58 11.60 8.58 5.64
CA MET A 58 10.81 8.05 4.54
CA MET A 58 10.81 8.04 4.54
C MET A 58 11.55 8.17 3.22
C MET A 58 11.55 8.17 3.21
N MET A 59 12.25 9.29 3.00
CA MET A 59 13.01 9.46 1.78
C MET A 59 14.17 8.48 1.68
N ASN A 60 14.77 8.12 2.81
CA ASN A 60 15.87 7.17 2.85
C ASN A 60 15.45 5.76 2.45
N LEU A 61 14.15 5.48 2.42
CA LEU A 61 13.68 4.19 1.95
C LEU A 61 13.84 4.16 0.45
N SER A 62 14.71 3.28 -0.04
CA SER A 62 15.07 3.20 -1.44
C SER A 62 15.00 1.75 -1.88
N HIS A 63 14.04 1.45 -2.73
CA HIS A 63 13.88 0.11 -3.28
C HIS A 63 13.11 0.21 -4.58
N GLU A 64 13.47 -0.65 -5.55
N GLU A 64 13.48 -0.63 -5.56
CA GLU A 64 12.88 -0.63 -6.89
CA GLU A 64 12.84 -0.54 -6.87
C GLU A 64 11.40 -0.98 -6.91
C GLU A 64 11.34 -0.71 -6.76
N LYS A 65 10.87 -1.52 -5.81
CA LYS A 65 9.45 -1.82 -5.72
C LYS A 65 8.72 -0.94 -4.73
N LEU A 66 9.36 0.13 -4.26
CA LEU A 66 8.69 1.20 -3.53
C LEU A 66 8.51 2.40 -4.44
N VAL A 67 7.32 3.00 -4.36
CA VAL A 67 7.11 4.28 -5.03
C VAL A 67 7.88 5.32 -4.21
N GLN A 68 8.98 5.81 -4.78
CA GLN A 68 9.96 6.59 -4.03
C GLN A 68 9.41 7.96 -3.66
N LEU A 69 9.68 8.38 -2.42
CA LEU A 69 9.49 9.78 -2.02
C LEU A 69 10.72 10.55 -2.50
N TYR A 70 10.52 11.47 -3.46
CA TYR A 70 11.63 12.22 -4.02
C TYR A 70 12.00 13.40 -3.14
N GLY A 71 11.01 14.09 -2.59
CA GLY A 71 11.27 15.21 -1.72
C GLY A 71 9.98 15.95 -1.40
N VAL A 72 10.14 17.13 -0.81
CA VAL A 72 9.01 17.89 -0.31
C VAL A 72 9.21 19.36 -0.66
N CYS A 73 8.11 20.10 -0.61
CA CYS A 73 8.13 21.56 -0.74
C CYS A 73 7.36 22.10 0.46
N THR A 74 8.08 22.69 1.42
CA THR A 74 7.46 23.10 2.68
C THR A 74 7.52 24.61 2.92
N LYS A 75 7.94 25.40 1.93
CA LYS A 75 8.16 26.83 2.14
C LYS A 75 6.95 27.68 1.76
N GLN A 76 5.82 27.05 1.43
CA GLN A 76 4.58 27.76 1.22
C GLN A 76 3.45 26.89 1.76
N ARG A 77 2.22 27.39 1.61
CA ARG A 77 1.03 26.62 1.88
C ARG A 77 0.22 26.56 0.60
N PRO A 78 -0.28 25.38 0.20
CA PRO A 78 -0.14 24.07 0.85
C PRO A 78 1.25 23.51 0.63
N ILE A 79 1.67 22.58 1.47
CA ILE A 79 2.93 21.89 1.21
C ILE A 79 2.71 20.82 0.15
N PHE A 80 3.80 20.40 -0.48
CA PHE A 80 3.76 19.39 -1.52
C PHE A 80 4.61 18.21 -1.10
N ILE A 81 4.18 17.01 -1.48
CA ILE A 81 4.99 15.79 -1.42
C ILE A 81 5.19 15.32 -2.85
N ILE A 82 6.44 15.10 -3.24
CA ILE A 82 6.79 14.77 -4.62
C ILE A 82 7.26 13.33 -4.65
N THR A 83 6.59 12.48 -5.44
CA THR A 83 6.95 11.07 -5.51
C THR A 83 7.07 10.60 -6.94
N GLU A 84 7.62 9.40 -7.08
CA GLU A 84 7.63 8.67 -8.35
C GLU A 84 6.24 8.59 -8.94
N TYR A 85 6.17 8.76 -10.26
CA TYR A 85 4.93 8.66 -11.02
C TYR A 85 4.78 7.28 -11.64
N MET A 86 3.57 6.72 -11.55
CA MET A 86 3.26 5.38 -12.02
C MET A 86 2.14 5.50 -13.04
N ALA A 87 2.48 5.29 -14.31
CA ALA A 87 1.57 5.67 -15.40
C ALA A 87 0.28 4.86 -15.45
N ASN A 88 0.26 3.64 -14.92
CA ASN A 88 -0.94 2.82 -14.98
C ASN A 88 -1.83 2.92 -13.76
N GLY A 89 -1.51 3.78 -12.81
CA GLY A 89 -2.39 4.08 -11.70
C GLY A 89 -2.40 2.99 -10.66
N OCS A 90 -3.43 2.99 -9.83
CA OCS A 90 -3.40 2.07 -8.72
CB OCS A 90 -4.24 2.59 -7.54
SG OCS A 90 -6.01 2.58 -7.75
C OCS A 90 -3.76 0.65 -9.13
O OCS A 90 -4.44 0.41 -10.11
OD1 OCS A 90 -6.42 1.19 -7.71
OD2 OCS A 90 -6.33 3.15 -9.01
OD3 OCS A 90 -6.60 3.32 -6.68
H OCS A 90 -4.13 3.48 -9.89
HA OCS A 90 -2.48 2.02 -8.39
HB2 OCS A 90 -3.98 3.50 -7.36
HB3 OCS A 90 -4.04 2.04 -6.76
N LEU A 91 -3.28 -0.28 -8.32
CA LEU A 91 -3.38 -1.70 -8.64
C LEU A 91 -4.79 -2.22 -8.62
N LEU A 92 -5.62 -1.72 -7.71
CA LEU A 92 -7.00 -2.22 -7.66
C LEU A 92 -7.73 -1.95 -8.97
N ASN A 93 -7.66 -0.72 -9.47
CA ASN A 93 -8.31 -0.43 -10.74
C ASN A 93 -7.65 -1.17 -11.90
N TYR A 94 -6.33 -1.34 -11.83
CA TYR A 94 -5.60 -2.06 -12.88
C TYR A 94 -6.07 -3.50 -12.98
N LEU A 95 -6.18 -4.18 -11.82
CA LEU A 95 -6.74 -5.53 -11.78
C LEU A 95 -8.13 -5.58 -12.40
N ARG A 96 -9.00 -4.65 -12.00
CA ARG A 96 -10.39 -4.70 -12.46
C ARG A 96 -10.51 -4.40 -13.95
N GLU A 97 -9.69 -3.47 -14.47
CA GLU A 97 -9.75 -3.09 -15.89
C GLU A 97 -9.12 -4.11 -16.82
N MET A 98 -8.17 -4.90 -16.33
N MET A 98 -8.17 -4.91 -16.34
CA MET A 98 -7.46 -5.89 -17.15
CA MET A 98 -7.49 -5.90 -17.17
C MET A 98 -7.79 -7.31 -16.74
C MET A 98 -7.77 -7.32 -16.68
N ARG A 99 -8.89 -7.48 -15.99
CA ARG A 99 -9.22 -8.74 -15.35
C ARG A 99 -9.04 -9.95 -16.26
N HIS A 100 -9.50 -9.86 -17.51
CA HIS A 100 -9.59 -11.04 -18.36
C HIS A 100 -8.30 -11.35 -19.11
N ARG A 101 -7.24 -10.58 -18.86
CA ARG A 101 -5.97 -10.75 -19.54
C ARG A 101 -4.87 -11.37 -18.70
N PHE A 102 -5.01 -11.42 -17.38
CA PHE A 102 -3.91 -11.87 -16.54
C PHE A 102 -3.75 -13.38 -16.62
N GLN A 103 -2.53 -13.84 -16.77
CA GLN A 103 -2.18 -15.23 -16.52
C GLN A 103 -1.77 -15.40 -15.06
N THR A 104 -1.87 -16.64 -14.56
CA THR A 104 -1.57 -16.87 -13.14
C THR A 104 -0.13 -16.54 -12.80
N GLN A 105 0.81 -16.73 -13.74
CA GLN A 105 2.19 -16.35 -13.46
C GLN A 105 2.32 -14.86 -13.21
N GLN A 106 1.52 -14.04 -13.88
CA GLN A 106 1.58 -12.60 -13.69
C GLN A 106 1.00 -12.21 -12.33
N LEU A 107 -0.06 -12.90 -11.90
CA LEU A 107 -0.58 -12.67 -10.56
C LEU A 107 0.50 -12.92 -9.50
N LEU A 108 1.23 -14.03 -9.62
CA LEU A 108 2.28 -14.35 -8.66
C LEU A 108 3.41 -13.31 -8.72
N GLU A 109 3.74 -12.83 -9.93
CA GLU A 109 4.77 -11.82 -10.07
C GLU A 109 4.39 -10.51 -9.38
N MET A 110 3.12 -10.14 -9.45
N MET A 110 3.12 -10.12 -9.48
CA MET A 110 2.68 -8.91 -8.78
CA MET A 110 2.66 -8.94 -8.77
C MET A 110 2.70 -9.06 -7.27
C MET A 110 2.83 -9.11 -7.28
N CYS A 111 2.41 -10.26 -6.75
CA CYS A 111 2.60 -10.53 -5.34
C CYS A 111 4.08 -10.44 -4.95
N LYS A 112 4.97 -10.99 -5.80
CA LYS A 112 6.39 -10.93 -5.53
C LYS A 112 6.89 -9.48 -5.47
N ASP A 113 6.46 -8.64 -6.41
CA ASP A 113 6.85 -7.23 -6.41
C ASP A 113 6.53 -6.62 -5.05
N VAL A 114 5.29 -6.78 -4.60
CA VAL A 114 4.87 -6.19 -3.33
C VAL A 114 5.65 -6.78 -2.18
N CYS A 115 5.84 -8.10 -2.18
CA CYS A 115 6.54 -8.77 -1.11
C CYS A 115 7.99 -8.27 -0.99
N GLU A 116 8.63 -8.01 -2.13
CA GLU A 116 9.99 -7.48 -2.10
C GLU A 116 10.04 -6.11 -1.42
N ALA A 117 9.11 -5.22 -1.79
CA ALA A 117 9.04 -3.91 -1.16
C ALA A 117 8.81 -4.05 0.35
N MET A 118 7.89 -4.94 0.73
CA MET A 118 7.58 -5.07 2.15
C MET A 118 8.72 -5.72 2.92
N GLU A 119 9.42 -6.66 2.31
CA GLU A 119 10.61 -7.22 2.95
C GLU A 119 11.64 -6.13 3.21
N TYR A 120 11.78 -5.20 2.28
CA TYR A 120 12.69 -4.08 2.48
C TYR A 120 12.21 -3.19 3.62
N LEU A 121 10.94 -2.80 3.63
CA LEU A 121 10.42 -2.01 4.75
C LEU A 121 10.62 -2.72 6.07
N GLU A 122 10.31 -4.03 6.12
CA GLU A 122 10.50 -4.81 7.34
C GLU A 122 11.94 -4.75 7.81
N SER A 123 12.89 -4.85 6.87
CA SER A 123 14.30 -4.82 7.25
C SER A 123 14.73 -3.47 7.79
N LYS A 124 13.98 -2.41 7.51
CA LYS A 124 14.23 -1.09 8.07
C LYS A 124 13.31 -0.78 9.23
N GLN A 125 12.55 -1.77 9.71
CA GLN A 125 11.61 -1.58 10.82
C GLN A 125 10.67 -0.41 10.56
N PHE A 126 10.19 -0.31 9.33
CA PHE A 126 9.29 0.77 8.93
C PHE A 126 7.95 0.16 8.54
N LEU A 127 6.88 0.61 9.20
CA LEU A 127 5.56 0.06 8.99
C LEU A 127 4.83 0.81 7.89
N HIS A 128 4.13 0.06 7.04
CA HIS A 128 3.30 0.69 6.03
C HIS A 128 2.05 1.28 6.67
N ARG A 129 1.26 0.43 7.32
CA ARG A 129 0.05 0.75 8.10
C ARG A 129 -1.21 0.85 7.26
N ASP A 130 -1.11 0.92 5.94
CA ASP A 130 -2.30 0.94 5.09
C ASP A 130 -1.98 0.23 3.78
N LEU A 131 -1.44 -0.97 3.88
CA LEU A 131 -1.15 -1.77 2.69
C LEU A 131 -2.44 -2.37 2.15
N ALA A 132 -2.66 -2.19 0.85
CA ALA A 132 -3.86 -2.65 0.13
C ALA A 132 -3.63 -2.36 -1.34
N ALA A 133 -4.39 -3.02 -2.20
CA ALA A 133 -4.20 -2.82 -3.64
C ALA A 133 -4.39 -1.37 -4.04
N ARG A 134 -5.31 -0.65 -3.39
CA ARG A 134 -5.50 0.76 -3.70
C ARG A 134 -4.24 1.60 -3.43
N ASN A 135 -3.35 1.14 -2.55
CA ASN A 135 -2.11 1.86 -2.22
C ASN A 135 -0.89 1.18 -2.82
N CYS A 136 -1.09 0.40 -3.87
CA CYS A 136 -0.04 -0.04 -4.77
C CYS A 136 -0.32 0.56 -6.12
N LEU A 137 0.73 0.79 -6.90
CA LEU A 137 0.62 1.45 -8.18
C LEU A 137 1.38 0.63 -9.21
N VAL A 138 1.07 0.88 -10.48
CA VAL A 138 1.59 0.08 -11.59
C VAL A 138 2.23 0.99 -12.62
N ASN A 139 3.47 0.70 -13.01
CA ASN A 139 4.14 1.56 -13.98
C ASN A 139 3.85 1.12 -15.41
N ASP A 140 4.50 1.81 -16.37
CA ASP A 140 4.21 1.59 -17.79
C ASP A 140 4.66 0.22 -18.29
N GLN A 141 5.50 -0.49 -17.54
CA GLN A 141 5.90 -1.84 -17.90
C GLN A 141 5.27 -2.91 -17.01
N GLY A 142 4.22 -2.57 -16.27
CA GLY A 142 3.51 -3.57 -15.49
C GLY A 142 4.11 -3.92 -14.14
N VAL A 143 5.16 -3.23 -13.72
CA VAL A 143 5.77 -3.47 -12.41
C VAL A 143 4.89 -2.84 -11.34
N VAL A 144 4.60 -3.59 -10.31
CA VAL A 144 3.83 -3.10 -9.17
C VAL A 144 4.76 -2.57 -8.11
N LYS A 145 4.41 -1.41 -7.54
CA LYS A 145 5.17 -0.82 -6.46
C LYS A 145 4.26 -0.38 -5.34
N VAL A 146 4.79 -0.37 -4.12
CA VAL A 146 4.04 -0.03 -2.92
C VAL A 146 4.17 1.46 -2.66
N SER A 147 3.04 2.12 -2.35
N SER A 147 3.04 2.12 -2.39
CA SER A 147 2.99 3.56 -2.22
CA SER A 147 3.03 3.56 -2.18
C SER A 147 2.34 3.98 -0.91
C SER A 147 2.43 3.94 -0.84
N ASP A 148 2.67 5.20 -0.48
CA ASP A 148 2.04 5.86 0.66
C ASP A 148 2.33 5.18 2.00
N PHE A 149 3.44 4.47 2.06
CA PHE A 149 3.88 3.80 3.29
C PHE A 149 4.14 4.82 4.39
N GLY A 150 3.57 4.54 5.57
CA GLY A 150 3.77 5.35 6.75
C GLY A 150 2.90 6.58 6.86
N LEU A 151 2.27 7.00 5.77
CA LEU A 151 1.55 8.28 5.78
C LEU A 151 0.30 8.24 6.64
N SER A 152 -0.26 7.07 6.91
N SER A 152 -0.26 7.05 6.88
CA SER A 152 -1.44 7.01 7.76
CA SER A 152 -1.40 6.90 7.77
C SER A 152 -1.19 7.67 9.10
C SER A 152 -1.18 7.65 9.08
N ARG A 153 0.07 7.68 9.57
CA ARG A 153 0.39 8.26 10.87
C ARG A 153 0.10 9.75 10.94
N TYR A 154 -0.02 10.44 9.81
CA TYR A 154 -0.16 11.90 9.79
C TYR A 154 -1.56 12.35 9.39
N VAL A 155 -2.50 11.43 9.20
CA VAL A 155 -3.84 11.79 8.76
C VAL A 155 -4.61 12.44 9.92
N LEU A 156 -5.23 13.58 9.63
CA LEU A 156 -6.15 14.25 10.56
C LEU A 156 -7.55 14.10 10.00
N ASP A 157 -8.21 13.04 10.43
CA ASP A 157 -9.56 12.71 10.00
C ASP A 157 -10.01 11.57 10.88
N ASP A 158 -10.83 11.87 11.88
CA ASP A 158 -11.25 10.83 12.82
C ASP A 158 -11.91 9.66 12.13
N GLU A 159 -12.52 9.87 10.95
CA GLU A 159 -13.16 8.75 10.27
C GLU A 159 -12.15 7.74 9.76
N TYR A 160 -10.92 8.19 9.50
CA TYR A 160 -9.83 7.33 9.05
C TYR A 160 -9.00 6.80 10.21
N THR A 161 -8.79 7.60 11.27
CA THR A 161 -7.87 7.21 12.32
C THR A 161 -8.51 6.34 13.39
N SER A 162 -9.82 6.44 13.57
CA SER A 162 -10.52 5.59 14.54
C SER A 162 -10.87 4.24 13.92
N SER A 163 -10.62 3.17 14.68
CA SER A 163 -10.91 1.82 14.21
C SER A 163 -12.39 1.57 13.95
N VAL A 164 -13.26 2.44 14.46
CA VAL A 164 -14.69 2.37 14.15
C VAL A 164 -15.10 3.47 13.16
N GLY A 165 -14.14 4.22 12.64
CA GLY A 165 -14.44 5.20 11.62
C GLY A 165 -14.77 4.54 10.29
N SER A 166 -15.59 5.25 9.51
CA SER A 166 -16.04 4.76 8.21
C SER A 166 -14.90 4.57 7.21
N LYS A 167 -13.76 5.23 7.41
CA LYS A 167 -12.66 5.16 6.45
C LYS A 167 -11.51 4.29 6.91
N PHE A 168 -11.56 3.75 8.12
CA PHE A 168 -10.46 2.96 8.63
C PHE A 168 -10.35 1.68 7.81
N PRO A 169 -9.13 1.18 7.55
CA PRO A 169 -8.97 0.00 6.69
C PRO A 169 -9.27 -1.31 7.43
N VAL A 170 -10.52 -1.45 7.88
CA VAL A 170 -10.93 -2.61 8.66
C VAL A 170 -10.63 -3.89 7.92
N ARG A 171 -10.92 -3.93 6.62
CA ARG A 171 -10.85 -5.19 5.88
C ARG A 171 -9.43 -5.65 5.64
N TRP A 172 -8.44 -4.81 5.95
CA TRP A 172 -7.03 -5.14 5.83
C TRP A 172 -6.35 -5.24 7.21
N SER A 173 -7.12 -5.29 8.29
CA SER A 173 -6.57 -5.16 9.64
C SER A 173 -6.72 -6.44 10.44
N PRO A 174 -5.68 -6.84 11.17
CA PRO A 174 -5.77 -8.03 12.02
C PRO A 174 -6.53 -7.72 13.30
N PRO A 175 -6.92 -8.75 14.04
CA PRO A 175 -7.67 -8.51 15.29
C PRO A 175 -6.98 -7.57 16.26
N GLU A 176 -5.65 -7.65 16.40
CA GLU A 176 -4.99 -6.80 17.40
C GLU A 176 -4.99 -5.34 17.00
N VAL A 177 -5.17 -5.04 15.72
CA VAL A 177 -5.35 -3.65 15.31
C VAL A 177 -6.78 -3.19 15.60
N LEU A 178 -7.77 -4.01 15.25
CA LEU A 178 -9.14 -3.62 15.50
C LEU A 178 -9.40 -3.46 17.00
N MET A 179 -8.74 -4.26 17.85
CA MET A 179 -9.00 -4.28 19.28
C MET A 179 -8.07 -3.38 20.10
N TYR A 180 -6.79 -3.26 19.72
CA TYR A 180 -5.80 -2.59 20.55
C TYR A 180 -4.99 -1.53 19.81
N SER A 181 -5.26 -1.29 18.52
CA SER A 181 -4.45 -0.38 17.71
C SER A 181 -2.97 -0.77 17.76
N LYS A 182 -2.72 -2.06 17.79
CA LYS A 182 -1.36 -2.57 17.92
C LYS A 182 -0.81 -2.83 16.52
N PHE A 183 -0.24 -1.79 15.91
CA PHE A 183 0.40 -1.92 14.60
C PHE A 183 1.81 -2.47 14.76
N SER A 184 2.19 -3.33 13.83
CA SER A 184 3.51 -3.95 13.83
C SER A 184 3.79 -4.49 12.44
N SER A 185 4.99 -5.04 12.28
CA SER A 185 5.31 -5.76 11.05
C SER A 185 4.26 -6.84 10.80
N LYS A 186 3.70 -7.41 11.87
CA LYS A 186 2.71 -8.47 11.71
C LYS A 186 1.34 -7.98 11.28
N SER A 187 0.99 -6.71 11.55
CA SER A 187 -0.25 -6.21 10.98
C SER A 187 -0.08 -5.89 9.50
N ASP A 188 1.13 -5.50 9.07
CA ASP A 188 1.41 -5.38 7.65
C ASP A 188 1.36 -6.76 6.97
N ILE A 189 1.84 -7.81 7.66
CA ILE A 189 1.75 -9.16 7.13
C ILE A 189 0.30 -9.54 6.85
N TRP A 190 -0.59 -9.28 7.81
CA TRP A 190 -2.00 -9.59 7.61
C TRP A 190 -2.55 -8.87 6.38
N ALA A 191 -2.26 -7.58 6.29
CA ALA A 191 -2.72 -6.77 5.16
C ALA A 191 -2.19 -7.34 3.84
N PHE A 192 -0.94 -7.77 3.82
CA PHE A 192 -0.35 -8.35 2.61
C PHE A 192 -1.12 -9.61 2.18
N GLY A 193 -1.52 -10.44 3.12
CA GLY A 193 -2.36 -11.58 2.77
C GLY A 193 -3.64 -11.16 2.08
N VAL A 194 -4.31 -10.13 2.62
CA VAL A 194 -5.51 -9.60 1.97
C VAL A 194 -5.19 -9.06 0.59
N LEU A 195 -4.04 -8.38 0.45
CA LEU A 195 -3.62 -7.90 -0.87
C LEU A 195 -3.42 -9.06 -1.85
N MET A 196 -2.80 -10.15 -1.41
CA MET A 196 -2.68 -11.31 -2.29
C MET A 196 -4.06 -11.78 -2.74
N TRP A 197 -5.03 -11.77 -1.83
CA TRP A 197 -6.39 -12.16 -2.18
C TRP A 197 -7.01 -11.18 -3.18
N GLU A 198 -6.79 -9.87 -2.98
CA GLU A 198 -7.22 -8.88 -3.97
C GLU A 198 -6.64 -9.19 -5.35
N ILE A 199 -5.36 -9.54 -5.41
CA ILE A 199 -4.73 -9.86 -6.69
C ILE A 199 -5.35 -11.11 -7.31
N TYR A 200 -5.45 -12.19 -6.54
CA TYR A 200 -5.89 -13.45 -7.13
C TYR A 200 -7.38 -13.48 -7.41
N SER A 201 -8.17 -12.65 -6.73
CA SER A 201 -9.57 -12.45 -7.08
C SER A 201 -9.77 -11.42 -8.19
N LEU A 202 -8.69 -10.87 -8.75
CA LEU A 202 -8.76 -9.88 -9.82
C LEU A 202 -9.52 -8.64 -9.39
N GLY A 203 -9.29 -8.19 -8.16
CA GLY A 203 -9.78 -6.91 -7.71
C GLY A 203 -11.13 -6.92 -7.06
N LYS A 204 -11.59 -8.06 -6.53
CA LYS A 204 -12.80 -8.09 -5.74
C LYS A 204 -12.59 -7.40 -4.40
N MET A 205 -13.70 -6.91 -3.83
CA MET A 205 -13.68 -6.29 -2.51
C MET A 205 -13.68 -7.36 -1.43
N PRO A 206 -12.72 -7.34 -0.49
CA PRO A 206 -12.72 -8.34 0.59
C PRO A 206 -13.97 -8.22 1.45
N TYR A 207 -14.57 -9.38 1.75
CA TYR A 207 -15.75 -9.46 2.61
C TYR A 207 -16.90 -8.63 2.05
N GLU A 208 -17.02 -8.61 0.72
CA GLU A 208 -18.14 -7.92 0.09
C GLU A 208 -19.45 -8.40 0.70
N ARG A 209 -20.39 -7.47 0.87
CA ARG A 209 -21.70 -7.72 1.46
C ARG A 209 -21.69 -7.66 2.99
N PHE A 210 -20.51 -7.74 3.62
CA PHE A 210 -20.37 -7.46 5.05
C PHE A 210 -20.03 -5.99 5.25
N THR A 211 -20.61 -5.39 6.28
CA THR A 211 -20.15 -4.07 6.70
C THR A 211 -18.79 -4.18 7.40
N ASN A 212 -18.20 -3.04 7.70
CA ASN A 212 -16.93 -3.07 8.44
C ASN A 212 -17.12 -3.70 9.81
N SER A 213 -18.18 -3.32 10.53
CA SER A 213 -18.35 -3.87 11.87
C SER A 213 -18.62 -5.37 11.81
N GLU A 214 -19.37 -5.81 10.79
CA GLU A 214 -19.59 -7.25 10.61
C GLU A 214 -18.30 -7.97 10.26
N THR A 215 -17.45 -7.37 9.43
CA THR A 215 -16.15 -7.95 9.12
C THR A 215 -15.32 -8.11 10.39
N ALA A 216 -15.28 -7.05 11.21
CA ALA A 216 -14.51 -7.10 12.44
C ALA A 216 -15.02 -8.18 13.36
N GLU A 217 -16.34 -8.25 13.53
CA GLU A 217 -16.93 -9.25 14.40
C GLU A 217 -16.55 -10.63 13.92
N HIS A 218 -16.67 -10.86 12.61
CA HIS A 218 -16.54 -12.22 12.10
C HIS A 218 -15.09 -12.66 11.94
N ILE A 219 -14.17 -11.77 11.57
CA ILE A 219 -12.77 -12.20 11.54
C ILE A 219 -12.24 -12.47 12.95
N ALA A 220 -12.73 -11.74 13.95
CA ALA A 220 -12.30 -12.01 15.33
C ALA A 220 -12.77 -13.38 15.80
N GLN A 221 -13.88 -13.88 15.24
CA GLN A 221 -14.41 -15.20 15.54
C GLN A 221 -13.86 -16.27 14.61
N GLY A 222 -12.95 -15.91 13.70
CA GLY A 222 -12.27 -16.90 12.90
C GLY A 222 -12.61 -16.91 11.43
N LEU A 223 -13.54 -16.07 10.96
CA LEU A 223 -13.83 -16.05 9.53
C LEU A 223 -12.57 -15.65 8.76
N ARG A 224 -12.33 -16.29 7.60
CA ARG A 224 -11.23 -15.92 6.74
C ARG A 224 -11.68 -15.89 5.29
N LEU A 225 -10.97 -15.10 4.49
CA LEU A 225 -11.25 -15.04 3.06
C LEU A 225 -11.05 -16.40 2.39
N TYR A 226 -11.96 -16.72 1.48
CA TYR A 226 -11.97 -17.96 0.73
C TYR A 226 -10.89 -17.95 -0.35
N ARG A 227 -10.58 -19.14 -0.86
CA ARG A 227 -9.56 -19.25 -1.90
C ARG A 227 -10.11 -18.77 -3.23
N PRO A 228 -9.53 -17.75 -3.84
CA PRO A 228 -9.96 -17.36 -5.19
C PRO A 228 -9.71 -18.47 -6.20
N HIS A 229 -10.54 -18.50 -7.24
CA HIS A 229 -10.46 -19.58 -8.22
C HIS A 229 -9.08 -19.69 -8.83
N LEU A 230 -8.43 -18.57 -9.09
CA LEU A 230 -7.16 -18.61 -9.78
C LEU A 230 -5.97 -18.90 -8.86
N ALA A 231 -6.18 -19.01 -7.56
CA ALA A 231 -5.11 -19.32 -6.64
C ALA A 231 -4.97 -20.82 -6.47
N SER A 232 -3.78 -21.33 -6.74
CA SER A 232 -3.47 -22.72 -6.42
C SER A 232 -3.47 -22.93 -4.91
N GLU A 233 -3.45 -24.21 -4.51
CA GLU A 233 -3.40 -24.53 -3.09
C GLU A 233 -2.14 -23.96 -2.45
N LYS A 234 -1.01 -24.04 -3.15
CA LYS A 234 0.24 -23.51 -2.59
C LYS A 234 0.15 -22.00 -2.39
N VAL A 235 -0.42 -21.29 -3.37
CA VAL A 235 -0.60 -19.85 -3.24
C VAL A 235 -1.55 -19.52 -2.08
N TYR A 236 -2.65 -20.26 -1.98
CA TYR A 236 -3.58 -20.00 -0.90
C TYR A 236 -2.94 -20.22 0.47
N THR A 237 -2.10 -21.25 0.59
CA THR A 237 -1.42 -21.52 1.85
C THR A 237 -0.58 -20.32 2.26
N ILE A 238 0.05 -19.66 1.27
CA ILE A 238 0.86 -18.49 1.55
C ILE A 238 0.01 -17.35 2.07
N MET A 239 -1.07 -17.00 1.37
CA MET A 239 -1.87 -15.88 1.83
C MET A 239 -2.54 -16.22 3.17
N TYR A 240 -2.96 -17.47 3.34
CA TYR A 240 -3.67 -17.84 4.57
C TYR A 240 -2.75 -17.80 5.77
N SER A 241 -1.45 -18.03 5.56
CA SER A 241 -0.50 -17.98 6.67
C SER A 241 -0.39 -16.59 7.26
N CYS A 242 -0.80 -15.57 6.49
CA CYS A 242 -0.76 -14.20 6.95
C CYS A 242 -1.84 -13.90 7.97
N TRP A 243 -2.81 -14.80 8.16
CA TRP A 243 -4.01 -14.49 8.91
C TRP A 243 -4.12 -15.26 10.22
N HIS A 244 -3.02 -15.81 10.73
CA HIS A 244 -3.08 -16.42 12.06
C HIS A 244 -3.62 -15.41 13.06
N GLU A 245 -4.56 -15.85 13.89
CA GLU A 245 -5.08 -14.99 14.94
C GLU A 245 -3.95 -14.38 15.76
N LYS A 246 -2.97 -15.20 16.14
CA LYS A 246 -1.86 -14.75 16.96
C LYS A 246 -0.75 -14.19 16.08
N ALA A 247 -0.40 -12.93 16.31
CA ALA A 247 0.54 -12.23 15.45
C ALA A 247 1.87 -12.95 15.35
N ASP A 248 2.34 -13.55 16.44
CA ASP A 248 3.67 -14.13 16.42
C ASP A 248 3.72 -15.44 15.66
N GLU A 249 2.57 -15.95 15.23
CA GLU A 249 2.54 -17.12 14.37
C GLU A 249 2.55 -16.76 12.89
N ARG A 250 2.40 -15.50 12.55
CA ARG A 250 2.43 -15.11 11.16
C ARG A 250 3.87 -15.06 10.69
N PRO A 251 4.11 -15.32 9.40
CA PRO A 251 5.46 -15.29 8.88
C PRO A 251 6.01 -13.86 8.82
N THR A 252 7.30 -13.79 8.52
CA THR A 252 7.92 -12.53 8.13
C THR A 252 7.81 -12.36 6.63
N PHE A 253 8.06 -11.14 6.15
CA PHE A 253 8.12 -10.92 4.71
C PHE A 253 9.29 -11.64 4.06
N LYS A 254 10.37 -11.87 4.82
CA LYS A 254 11.47 -12.66 4.28
C LYS A 254 11.03 -14.09 4.00
N ILE A 255 10.29 -14.68 4.93
CA ILE A 255 9.75 -16.03 4.72
C ILE A 255 8.75 -16.04 3.58
N LEU A 256 7.85 -15.07 3.55
CA LEU A 256 6.86 -15.02 2.48
C LEU A 256 7.53 -14.93 1.11
N LEU A 257 8.57 -14.09 0.99
CA LEU A 257 9.25 -13.96 -0.29
C LEU A 257 9.89 -15.28 -0.69
N SER A 258 10.51 -15.96 0.26
CA SER A 258 11.06 -17.28 -0.01
C SER A 258 9.99 -18.25 -0.47
N ASN A 259 8.82 -18.22 0.15
CA ASN A 259 7.73 -19.10 -0.27
C ASN A 259 7.27 -18.79 -1.68
N ILE A 260 7.19 -17.50 -2.03
CA ILE A 260 6.76 -17.10 -3.36
C ILE A 260 7.78 -17.53 -4.41
N LEU A 261 9.06 -17.34 -4.12
CA LEU A 261 10.10 -17.80 -5.04
C LEU A 261 10.05 -19.31 -5.23
N ASP A 262 9.75 -20.06 -4.16
CA ASP A 262 9.69 -21.51 -4.28
C ASP A 262 8.55 -21.93 -5.21
N VAL A 263 7.40 -21.28 -5.12
CA VAL A 263 6.31 -21.58 -6.03
C VAL A 263 6.71 -21.27 -7.46
N MET A 264 7.38 -20.13 -7.68
CA MET A 264 7.88 -19.82 -9.02
C MET A 264 8.81 -20.91 -9.52
N ASP A 265 9.75 -21.34 -8.68
CA ASP A 265 10.66 -22.41 -9.07
C ASP A 265 9.90 -23.69 -9.41
N GLU A 266 8.87 -24.02 -8.61
CA GLU A 266 8.09 -25.22 -8.88
C GLU A 266 7.43 -25.15 -10.25
N ASN A 267 6.87 -23.99 -10.61
CA ASN A 267 6.21 -23.82 -11.89
C ASN A 267 7.20 -23.58 -13.03
S SO4 B . -16.86 -7.75 -9.05
O1 SO4 B . -15.75 -7.41 -8.17
O2 SO4 B . -18.01 -8.12 -8.20
O3 SO4 B . -16.57 -8.94 -9.84
O4 SO4 B . -17.15 -6.62 -9.92
S SO4 C . -13.12 -15.59 -7.30
O1 SO4 C . -13.93 -14.98 -6.26
O2 SO4 C . -12.95 -17.01 -7.04
O3 SO4 C . -11.79 -14.99 -7.31
O4 SO4 C . -13.76 -15.39 -8.59
S SO4 D . -16.30 -10.93 -14.78
O1 SO4 D . -15.20 -11.64 -14.14
O2 SO4 D . -17.53 -11.14 -14.02
O3 SO4 D . -16.49 -11.47 -16.13
O4 SO4 D . -16.01 -9.51 -14.86
C4 DXM E . -1.64 8.33 -8.71
C5 DXM E . -1.42 8.63 -7.43
C6 DXM E . 2.23 8.26 -7.06
N1 DXM E . -3.82 7.81 -12.41
C7 DXM E . 0.73 8.03 -8.98
C8 DXM E . -2.51 8.97 -6.46
N2 DXM E . -3.07 7.94 -11.25
C9 DXM E . -2.47 8.55 -5.11
C10 DXM E . -3.49 8.85 -4.23
C11 DXM E . -3.25 9.23 -1.85
C12 DXM E . -3.14 8.75 -0.45
N3 DXM E . -0.70 7.71 -10.86
C13 DXM E . -3.20 7.54 0.00
C14 DXM E . -3.02 7.45 1.27
C15 DXM E . -2.87 8.64 1.86
N4 DXM E . -0.18 8.61 -6.89
C1 DXM E . -5.28 8.05 -12.26
C16 DXM E . -2.66 8.84 3.35
C17 DXM E . -3.04 7.60 4.13
C18 DXM E . -2.44 6.36 3.50
C19 DXM E . -2.97 6.16 2.09
C2 DXM E . -1.81 7.72 -11.68
C20 DXM E . -4.55 9.59 -4.68
C21 DXM E . -4.61 10.01 -6.00
C22 DXM E . -3.59 9.71 -6.89
C23 DXM E . -1.75 7.43 -13.03
C24 DXM E . -3.06 7.50 -13.45
C25 DXM E . -3.38 7.22 -14.91
C3 DXM E . -0.64 8.03 -9.52
F1 DXM E . -1.45 7.83 -4.63
F2 DXM E . -5.57 9.90 -3.85
N5 DXM E . 0.91 8.28 -7.69
N6 DXM E . -3.40 8.39 -2.88
O1 DXM E . 1.71 7.73 -9.72
O2 DXM E . -3.20 10.43 -2.09
S1 DXM E . -2.89 9.90 0.78
H63 DXM E . 2.21 7.61 -6.23
H62 DXM E . 2.50 9.23 -6.75
H61 DXM E . 2.94 7.91 -7.76
H11 DXM E . -5.50 8.20 -11.23
H12 DXM E . -5.82 7.21 -12.62
H13 DXM E . -5.55 8.91 -12.80
H162 DXM E . -1.60 9.08 3.54
H161 DXM E . -3.26 9.68 3.69
H172 DXM E . -2.68 7.69 5.16
H171 DXM E . -4.13 7.51 4.18
H182 DXM E . -2.70 5.47 4.11
H181 DXM E . -1.35 6.44 3.48
H192 DXM E . -3.98 5.73 2.13
H191 DXM E . -2.34 5.43 1.57
H21 DXM E . -5.47 10.59 -6.34
H22 DXM E . -3.65 10.04 -7.92
H23 DXM E . -0.87 7.17 -13.62
H253 DXM E . -3.00 6.27 -15.17
H252 DXM E . -2.94 7.96 -15.50
H251 DXM E . -4.43 7.23 -15.04
C10 FPZ F . 12.81 8.47 -13.59
C01 FPZ F . 13.80 14.42 -8.56
C02 FPZ F . 13.99 14.14 -9.90
C03 FPZ F . 14.26 12.83 -10.34
C04 FPZ F . 14.33 11.75 -9.49
C05 FPZ F . 14.14 12.04 -8.14
C06 FPZ F . 13.87 13.33 -7.67
C08 FPZ F . 13.48 9.69 -11.56
C09 FPZ F . 13.70 8.73 -12.54
C11 FPZ F . 11.61 9.20 -13.71
C12 FPZ F . 11.37 10.17 -12.74
C13 FPZ F . 12.29 10.41 -11.70
C14 FPZ F . 16.38 10.05 -10.84
C15 FPZ F . 17.43 9.29 -10.33
C16 FPZ F . 18.70 9.31 -10.89
C17 FPZ F . 18.97 10.10 -12.00
C18 FPZ F . 17.95 10.86 -12.53
C19 FPZ F . 16.67 10.82 -11.95
P07 FPZ F . 14.68 10.05 -10.15
H101 FPZ F . 12.95 7.83 -14.25
H011 FPZ F . 13.63 15.28 -8.25
H021 FPZ F . 13.95 14.84 -10.51
H031 FPZ F . 14.38 12.69 -11.26
H051 FPZ F . 14.16 11.39 -7.48
H061 FPZ F . 13.75 13.53 -6.77
H091 FPZ F . 14.47 8.18 -12.55
H111 FPZ F . 11.01 9.04 -14.39
H121 FPZ F . 10.59 10.66 -12.79
H131 FPZ F . 12.09 11.06 -11.07
H151 FPZ F . 17.33 8.73 -9.59
H161 FPZ F . 19.40 8.81 -10.56
H171 FPZ F . 19.82 10.12 -12.38
H181 FPZ F . 18.11 11.40 -13.27
H191 FPZ F . 16.00 11.35 -12.33
C1 GOL G . 0.53 10.56 -19.16
O1 GOL G . 0.95 9.49 -18.33
C2 GOL G . -0.20 11.62 -18.35
O2 GOL G . -0.45 12.76 -19.14
C3 GOL G . -1.54 11.10 -17.83
O3 GOL G . -1.65 11.34 -16.44
H11 GOL G . -0.13 10.17 -19.94
H12 GOL G . 1.39 11.01 -19.65
HO1 GOL G . 1.36 8.80 -18.87
H2 GOL G . 0.41 11.90 -17.49
HO2 GOL G . -1.03 12.52 -19.88
H31 GOL G . -1.60 10.02 -18.02
H32 GOL G . -2.36 11.58 -18.36
HO3 GOL G . -1.09 10.71 -15.95
C1 GOL H . -6.80 -23.88 -8.35
O1 GOL H . -7.24 -25.20 -8.12
C2 GOL H . -6.06 -23.82 -9.69
O2 GOL H . -6.78 -24.55 -10.66
C3 GOL H . -5.89 -22.38 -10.14
O3 GOL H . -4.91 -22.34 -11.17
H11 GOL H . -6.15 -23.57 -7.55
H12 GOL H . -7.65 -23.20 -8.39
HO1 GOL H . -7.67 -25.26 -7.24
H2 GOL H . -5.07 -24.27 -9.56
HO2 GOL H . -7.66 -24.13 -10.79
H31 GOL H . -5.58 -21.76 -9.31
H32 GOL H . -6.84 -22.01 -10.52
HO3 GOL H . -4.85 -23.20 -11.61
#